data_4EXS
#
_entry.id   4EXS
#
_cell.length_a   107.120
_cell.length_b   107.120
_cell.length_c   92.900
_cell.angle_alpha   90.00
_cell.angle_beta   90.00
_cell.angle_gamma   90.00
#
_symmetry.space_group_name_H-M   'P 41 21 2'
#
loop_
_entity.id
_entity.type
_entity.pdbx_description
1 polymer 'Beta-lactamase NDM-1'
2 non-polymer L-CAPTOPRIL
3 non-polymer 'ZINC ION'
4 water water
#
_entity_poly.entity_id   1
_entity_poly.type   'polypeptide(L)'
_entity_poly.pdbx_seq_one_letter_code
;MELPNIMHPVAKLSTALAAALMLSGCMPGEIRPTIGQQMETGDQRFGDLVFRQLAPNVWQHTSYLDMPGFGAVASNGLIV
RDGGRVLVVDTAWTDDQTAQILNWIKQEINLPVALAVVTHAHQDKMGGMDALHAAGIATYANALSNQLAPQEGMVAAQHS
LTFAANGWVEPATAPNFGPLKVFYPGPGHTSDNITVGIDGTDIAFGGCLIKDSKAKSLGNLGDADTEHYAASARAFGAAF
PKASMIVMSHSAPDSRAAITHTARMADKLRLV
;
_entity_poly.pdbx_strand_id   B,A
#
loop_
_chem_comp.id
_chem_comp.type
_chem_comp.name
_chem_comp.formula
X8Z non-polymer L-CAPTOPRIL 'C9 H15 N O3 S'
ZN non-polymer 'ZINC ION' 'Zn 2'
#
# COMPACT_ATOMS: atom_id res chain seq x y z
N GLY A 42 8.54 -27.34 -25.65
CA GLY A 42 7.56 -27.74 -24.59
C GLY A 42 6.31 -26.87 -24.49
N ASP A 43 6.16 -25.94 -25.43
CA ASP A 43 4.94 -25.13 -25.52
C ASP A 43 3.90 -25.80 -26.41
N GLN A 44 2.64 -25.53 -26.12
CA GLN A 44 1.55 -25.98 -26.98
C GLN A 44 0.64 -24.80 -27.32
N ARG A 45 0.53 -24.45 -28.60
CA ARG A 45 -0.42 -23.42 -29.02
C ARG A 45 -1.85 -23.95 -28.84
N PHE A 46 -2.70 -23.19 -28.16
CA PHE A 46 -4.15 -23.41 -28.18
C PHE A 46 -4.84 -22.07 -28.49
N GLY A 47 -5.50 -22.00 -29.65
CA GLY A 47 -5.95 -20.70 -30.18
C GLY A 47 -4.84 -19.64 -30.22
N ASP A 48 -5.16 -18.41 -29.83
CA ASP A 48 -4.13 -17.35 -29.76
C ASP A 48 -3.31 -17.45 -28.48
N LEU A 49 -3.49 -18.53 -27.72
CA LEU A 49 -2.85 -18.76 -26.41
C LEU A 49 -1.74 -19.84 -26.43
N VAL A 50 -0.80 -19.75 -25.49
CA VAL A 50 0.25 -20.77 -25.32
C VAL A 50 0.26 -21.38 -23.90
N PHE A 51 0.36 -22.71 -23.81
CA PHE A 51 0.37 -23.38 -22.49
C PHE A 51 1.61 -24.22 -22.36
N ARG A 52 2.22 -24.17 -21.18
CA ARG A 52 3.47 -24.88 -20.97
C ARG A 52 3.39 -25.57 -19.62
N GLN A 53 3.56 -26.89 -19.58
CA GLN A 53 3.50 -27.61 -18.32
C GLN A 53 4.77 -27.35 -17.52
N LEU A 54 4.62 -26.99 -16.25
CA LEU A 54 5.81 -26.78 -15.42
C LEU A 54 6.06 -27.87 -14.39
N ALA A 55 5.00 -28.53 -13.93
CA ALA A 55 5.02 -29.68 -13.02
C ALA A 55 3.75 -30.50 -13.33
N PRO A 56 3.58 -31.70 -12.69
CA PRO A 56 2.38 -32.52 -12.95
C PRO A 56 1.06 -31.78 -12.82
N ASN A 57 0.98 -30.83 -11.89
CA ASN A 57 -0.28 -30.13 -11.60
C ASN A 57 -0.19 -28.60 -11.82
N VAL A 58 0.88 -28.15 -12.47
CA VAL A 58 1.03 -26.73 -12.78
C VAL A 58 1.31 -26.48 -14.24
N TRP A 59 0.57 -25.54 -14.81
CA TRP A 59 0.78 -25.10 -16.19
C TRP A 59 0.91 -23.58 -16.24
N GLN A 60 1.86 -23.09 -17.01
CA GLN A 60 1.89 -21.67 -17.43
C GLN A 60 0.94 -21.38 -18.59
N HIS A 61 0.07 -20.37 -18.44
CA HIS A 61 -0.69 -19.84 -19.58
C HIS A 61 -0.08 -18.52 -20.01
N THR A 62 -0.06 -18.28 -21.32
CA THR A 62 0.55 -17.09 -21.90
C THR A 62 -0.40 -16.53 -22.93
N SER A 63 -0.71 -15.25 -22.79
CA SER A 63 -1.50 -14.55 -23.77
C SER A 63 -0.76 -13.33 -24.31
N TYR A 64 -1.25 -12.86 -25.45
CA TYR A 64 -0.57 -11.81 -26.20
C TYR A 64 -1.49 -10.64 -26.51
N LEU A 65 -1.03 -9.43 -26.17
CA LEU A 65 -1.80 -8.24 -26.50
C LEU A 65 -1.81 -7.91 -27.99
N ASP A 66 -3.05 -7.76 -28.46
CA ASP A 66 -3.49 -7.56 -29.83
C ASP A 66 -4.16 -6.15 -29.88
N MET A 67 -3.32 -5.12 -29.84
CA MET A 67 -3.77 -3.73 -30.01
C MET A 67 -2.97 -3.12 -31.17
N PRO A 68 -3.67 -2.48 -32.12
CA PRO A 68 -3.06 -1.78 -33.27
C PRO A 68 -2.19 -0.58 -32.89
N GLY A 69 -1.00 -0.84 -32.36
CA GLY A 69 -0.11 0.22 -31.95
C GLY A 69 1.12 -0.37 -31.31
N PHE A 70 1.05 -1.68 -31.01
CA PHE A 70 2.18 -2.39 -30.42
C PHE A 70 2.31 -3.88 -30.72
N GLY A 71 3.53 -4.39 -30.49
CA GLY A 71 3.91 -5.76 -30.85
C GLY A 71 3.21 -6.78 -29.99
N ALA A 72 3.51 -8.05 -30.23
CA ALA A 72 2.76 -9.09 -29.54
C ALA A 72 3.36 -9.33 -28.14
N VAL A 73 2.90 -8.56 -27.16
CA VAL A 73 3.46 -8.61 -25.83
C VAL A 73 2.88 -9.77 -25.00
N ALA A 74 3.76 -10.67 -24.58
CA ALA A 74 3.37 -11.89 -23.87
C ALA A 74 3.10 -11.59 -22.39
N SER A 75 2.02 -12.16 -21.87
CA SER A 75 1.81 -12.18 -20.41
C SER A 75 1.64 -13.60 -19.93
N ASN A 76 2.28 -13.92 -18.81
CA ASN A 76 2.23 -15.24 -18.23
C ASN A 76 1.43 -15.25 -16.96
N GLY A 77 0.58 -16.28 -16.82
CA GLY A 77 -0.06 -16.58 -15.55
C GLY A 77 0.04 -18.07 -15.24
N LEU A 78 -0.64 -18.52 -14.18
CA LEU A 78 -0.58 -19.94 -13.79
C LEU A 78 -1.93 -20.65 -13.73
N ILE A 79 -1.88 -21.95 -14.01
CA ILE A 79 -3.01 -22.79 -13.73
C ILE A 79 -2.53 -23.93 -12.83
N VAL A 80 -3.26 -24.14 -11.75
CA VAL A 80 -2.88 -25.15 -10.76
C VAL A 80 -4.02 -26.12 -10.52
N ARG A 81 -3.76 -27.39 -10.79
CA ARG A 81 -4.70 -28.43 -10.38
C ARG A 81 -4.42 -28.85 -8.94
N ASP A 82 -5.36 -28.52 -8.07
CA ASP A 82 -5.32 -28.86 -6.67
C ASP A 82 -6.25 -30.07 -6.44
N GLY A 83 -5.84 -31.25 -6.92
CA GLY A 83 -6.65 -32.46 -6.69
C GLY A 83 -7.91 -32.60 -7.53
N GLY A 84 -9.02 -32.07 -7.03
CA GLY A 84 -10.32 -32.18 -7.70
C GLY A 84 -10.89 -30.83 -8.14
N ARG A 85 -10.05 -29.79 -8.17
CA ARG A 85 -10.51 -28.47 -8.64
C ARG A 85 -9.33 -27.75 -9.27
N VAL A 86 -9.59 -26.63 -9.95
CA VAL A 86 -8.48 -25.92 -10.58
C VAL A 86 -8.43 -24.51 -10.01
N LEU A 87 -7.20 -23.98 -9.90
CA LEU A 87 -6.96 -22.63 -9.37
C LEU A 87 -6.20 -21.85 -10.42
N VAL A 88 -6.60 -20.59 -10.60
CA VAL A 88 -6.01 -19.72 -11.62
C VAL A 88 -5.26 -18.54 -10.96
N VAL A 89 -4.03 -18.30 -11.42
CA VAL A 89 -3.29 -17.08 -11.07
C VAL A 89 -3.22 -16.20 -12.32
N ASP A 90 -3.94 -15.08 -12.21
CA ASP A 90 -4.04 -14.06 -13.23
C ASP A 90 -4.91 -14.46 -14.41
N THR A 91 -5.63 -13.45 -14.94
CA THR A 91 -6.36 -13.52 -16.20
C THR A 91 -5.40 -13.33 -17.41
N ALA A 92 -5.97 -13.28 -18.61
CA ALA A 92 -5.20 -12.91 -19.78
C ALA A 92 -5.44 -11.44 -20.00
N TRP A 93 -4.89 -10.92 -21.10
CA TRP A 93 -5.13 -9.52 -21.46
C TRP A 93 -6.61 -9.14 -21.57
N THR A 94 -7.46 -10.04 -22.05
CA THR A 94 -8.86 -9.68 -22.40
C THR A 94 -9.83 -10.74 -21.89
N ASP A 95 -11.12 -10.41 -21.86
CA ASP A 95 -12.16 -11.38 -21.54
C ASP A 95 -12.16 -12.62 -22.45
N ASP A 96 -12.12 -12.40 -23.77
CA ASP A 96 -12.12 -13.52 -24.70
C ASP A 96 -10.91 -14.44 -24.50
N GLN A 97 -9.72 -13.86 -24.35
CA GLN A 97 -8.52 -14.65 -24.05
C GLN A 97 -8.71 -15.44 -22.78
N THR A 98 -9.41 -14.85 -21.80
CA THR A 98 -9.59 -15.48 -20.49
C THR A 98 -10.60 -16.61 -20.56
N ALA A 99 -11.70 -16.42 -21.30
CA ALA A 99 -12.58 -17.53 -21.61
C ALA A 99 -11.85 -18.63 -22.38
N GLN A 100 -10.93 -18.23 -23.26
CA GLN A 100 -10.12 -19.22 -23.99
C GLN A 100 -9.32 -20.07 -22.99
N ILE A 101 -8.75 -19.43 -21.96
CA ILE A 101 -8.12 -20.18 -20.85
C ILE A 101 -9.06 -21.18 -20.21
N LEU A 102 -10.28 -20.75 -19.88
CA LEU A 102 -11.24 -21.64 -19.23
C LEU A 102 -11.55 -22.86 -20.11
N ASN A 103 -11.52 -22.64 -21.43
CA ASN A 103 -11.89 -23.70 -22.35
C ASN A 103 -10.78 -24.73 -22.39
N TRP A 104 -9.52 -24.26 -22.40
CA TRP A 104 -8.40 -25.19 -22.37
C TRP A 104 -8.43 -26.04 -21.11
N ILE A 105 -8.85 -25.42 -20.01
CA ILE A 105 -8.94 -26.13 -18.73
C ILE A 105 -10.08 -27.16 -18.82
N LYS A 106 -11.27 -26.71 -19.26
CA LYS A 106 -12.41 -27.58 -19.51
C LYS A 106 -11.99 -28.80 -20.36
N GLN A 107 -11.18 -28.56 -21.39
CA GLN A 107 -10.78 -29.65 -22.26
C GLN A 107 -9.63 -30.55 -21.76
N GLU A 108 -8.55 -29.97 -21.23
CA GLU A 108 -7.35 -30.73 -20.90
C GLU A 108 -7.35 -31.27 -19.48
N ILE A 109 -8.16 -30.65 -18.61
CA ILE A 109 -8.23 -31.06 -17.23
C ILE A 109 -9.66 -31.44 -16.85
N ASN A 110 -10.61 -30.57 -17.15
CA ASN A 110 -12.02 -30.91 -16.96
C ASN A 110 -12.32 -31.14 -15.50
N LEU A 111 -12.00 -30.15 -14.68
CA LEU A 111 -12.45 -30.03 -13.29
C LEU A 111 -12.98 -28.62 -13.17
N PRO A 112 -13.85 -28.36 -12.20
CA PRO A 112 -14.36 -26.99 -12.06
C PRO A 112 -13.26 -26.04 -11.55
N VAL A 113 -13.28 -24.77 -12.00
CA VAL A 113 -12.36 -23.77 -11.45
C VAL A 113 -12.90 -23.14 -10.18
N ALA A 114 -12.27 -23.47 -9.05
CA ALA A 114 -12.71 -23.01 -7.76
C ALA A 114 -12.56 -21.50 -7.55
N LEU A 115 -11.40 -20.93 -7.91
CA LEU A 115 -11.14 -19.50 -7.66
C LEU A 115 -10.03 -19.01 -8.58
N ALA A 116 -9.87 -17.70 -8.69
CA ALA A 116 -8.70 -17.08 -9.31
C ALA A 116 -8.13 -16.05 -8.34
N VAL A 117 -6.82 -15.86 -8.36
CA VAL A 117 -6.19 -14.75 -7.64
C VAL A 117 -5.44 -13.94 -8.68
N VAL A 118 -5.62 -12.63 -8.67
CA VAL A 118 -4.98 -11.80 -9.68
C VAL A 118 -3.98 -10.92 -8.95
N THR A 119 -2.86 -10.59 -9.57
CA THR A 119 -1.73 -10.20 -8.78
C THR A 119 -1.36 -8.72 -8.83
N HIS A 120 -2.08 -7.94 -9.64
CA HIS A 120 -2.13 -6.48 -9.49
C HIS A 120 -3.04 -5.88 -10.53
N ALA A 121 -3.43 -4.62 -10.30
CA ALA A 121 -4.40 -3.97 -11.13
C ALA A 121 -3.81 -3.42 -12.42
N HIS A 122 -3.13 -4.23 -13.22
CA HIS A 122 -2.95 -3.89 -14.63
C HIS A 122 -3.73 -4.81 -15.54
N GLN A 123 -3.82 -4.46 -16.81
CA GLN A 123 -4.65 -5.19 -17.79
C GLN A 123 -4.22 -6.64 -18.05
N ASP A 124 -2.92 -6.89 -18.00
CA ASP A 124 -2.36 -8.22 -18.28
C ASP A 124 -2.66 -9.23 -17.18
N LYS A 125 -3.01 -8.71 -16.00
CA LYS A 125 -3.38 -9.52 -14.86
C LYS A 125 -4.86 -9.54 -14.61
N MET A 126 -5.54 -8.42 -14.83
CA MET A 126 -6.94 -8.28 -14.46
C MET A 126 -7.83 -7.97 -15.65
N GLY A 127 -7.29 -8.08 -16.87
CA GLY A 127 -8.01 -7.64 -18.06
C GLY A 127 -9.22 -8.53 -18.29
N GLY A 128 -9.24 -9.71 -17.66
CA GLY A 128 -10.26 -10.71 -17.94
C GLY A 128 -11.25 -11.05 -16.84
N MET A 129 -11.50 -10.09 -15.95
CA MET A 129 -12.32 -10.37 -14.78
C MET A 129 -13.76 -10.68 -15.19
N ASP A 130 -14.30 -9.92 -16.12
CA ASP A 130 -15.68 -10.16 -16.57
C ASP A 130 -15.86 -11.62 -17.00
N ALA A 131 -14.92 -12.17 -17.76
CA ALA A 131 -14.97 -13.58 -18.10
C ALA A 131 -14.99 -14.50 -16.88
N LEU A 132 -14.19 -14.21 -15.84
CA LEU A 132 -14.18 -15.13 -14.69
C LEU A 132 -15.50 -15.09 -13.94
N HIS A 133 -16.04 -13.88 -13.77
CA HIS A 133 -17.36 -13.69 -13.16
C HIS A 133 -18.51 -14.33 -13.94
N ALA A 134 -18.52 -14.18 -15.25
CA ALA A 134 -19.54 -14.85 -16.06
C ALA A 134 -19.45 -16.37 -15.89
N ALA A 135 -18.26 -16.90 -15.64
CA ALA A 135 -18.09 -18.33 -15.47
C ALA A 135 -18.36 -18.83 -14.05
N GLY A 136 -18.83 -17.95 -13.16
CA GLY A 136 -19.10 -18.31 -11.77
C GLY A 136 -17.87 -18.52 -10.90
N ILE A 137 -16.72 -18.01 -11.31
CA ILE A 137 -15.48 -18.26 -10.54
C ILE A 137 -15.18 -17.18 -9.47
N ALA A 138 -15.05 -17.61 -8.22
CA ALA A 138 -14.67 -16.70 -7.14
C ALA A 138 -13.30 -16.00 -7.37
N THR A 139 -13.28 -14.67 -7.34
CA THR A 139 -12.05 -13.92 -7.63
C THR A 139 -11.45 -13.20 -6.44
N TYR A 140 -10.12 -13.18 -6.37
CA TYR A 140 -9.43 -12.57 -5.24
C TYR A 140 -8.37 -11.62 -5.74
N ALA A 141 -8.17 -10.52 -5.02
CA ALA A 141 -7.05 -9.65 -5.31
C ALA A 141 -6.65 -9.00 -4.02
N ASN A 142 -5.44 -8.45 -4.00
CA ASN A 142 -5.05 -7.56 -2.92
C ASN A 142 -6.15 -6.50 -2.75
N ALA A 143 -6.50 -6.15 -1.51
CA ALA A 143 -7.47 -5.06 -1.28
C ALA A 143 -7.03 -3.79 -2.03
N LEU A 144 -5.74 -3.45 -1.94
CA LEU A 144 -5.24 -2.29 -2.65
C LEU A 144 -5.48 -2.44 -4.15
N SER A 145 -5.24 -3.63 -4.69
CA SER A 145 -5.58 -3.88 -6.10
C SER A 145 -7.01 -3.58 -6.38
N ASN A 146 -7.93 -3.94 -5.48
CA ASN A 146 -9.36 -3.68 -5.75
C ASN A 146 -9.69 -2.22 -5.67
N GLN A 147 -8.94 -1.51 -4.82
CA GLN A 147 -9.12 -0.07 -4.62
C GLN A 147 -8.69 0.74 -5.83
N LEU A 148 -7.59 0.32 -6.44
CA LEU A 148 -7.07 0.98 -7.63
C LEU A 148 -7.79 0.56 -8.91
N ALA A 149 -8.62 -0.48 -8.86
CA ALA A 149 -9.13 -1.09 -10.11
C ALA A 149 -9.82 -0.10 -11.03
N PRO A 150 -10.80 0.64 -10.49
CA PRO A 150 -11.54 1.60 -11.30
C PRO A 150 -10.62 2.61 -12.00
N GLN A 151 -9.61 3.14 -11.30
CA GLN A 151 -8.72 4.14 -11.91
C GLN A 151 -7.92 3.53 -13.02
N GLU A 152 -7.67 2.22 -12.87
CA GLU A 152 -6.83 1.50 -13.84
C GLU A 152 -7.63 0.94 -15.03
N GLY A 153 -8.96 1.09 -15.00
CA GLY A 153 -9.80 0.52 -16.05
C GLY A 153 -10.15 -0.94 -15.81
N MET A 154 -10.00 -1.41 -14.57
CA MET A 154 -10.16 -2.85 -14.27
C MET A 154 -11.45 -3.10 -13.54
N VAL A 155 -12.03 -4.26 -13.76
CA VAL A 155 -13.10 -4.68 -12.87
C VAL A 155 -12.45 -5.25 -11.60
N ALA A 156 -13.01 -4.93 -10.44
CA ALA A 156 -12.47 -5.38 -9.17
C ALA A 156 -12.74 -6.87 -8.98
N ALA A 157 -11.89 -7.52 -8.20
CA ALA A 157 -12.16 -8.87 -7.81
C ALA A 157 -13.28 -8.85 -6.77
N GLN A 158 -13.96 -9.99 -6.59
CA GLN A 158 -15.07 -10.10 -5.65
C GLN A 158 -14.58 -9.99 -4.23
N HIS A 159 -13.43 -10.59 -3.93
CA HIS A 159 -12.90 -10.63 -2.57
C HIS A 159 -11.54 -9.95 -2.39
N SER A 160 -11.36 -9.29 -1.26
CA SER A 160 -10.15 -8.55 -1.01
C SER A 160 -9.24 -9.31 -0.06
N LEU A 161 -8.01 -9.55 -0.51
CA LEU A 161 -6.95 -10.02 0.38
C LEU A 161 -6.35 -8.87 1.24
N THR A 162 -6.03 -9.19 2.51
CA THR A 162 -5.25 -8.28 3.37
C THR A 162 -4.04 -9.01 3.85
N PHE A 163 -3.14 -8.33 4.55
CA PHE A 163 -1.80 -8.86 4.73
C PHE A 163 -1.25 -8.50 6.08
N ALA A 164 -0.52 -9.42 6.70
CA ALA A 164 0.23 -9.08 7.90
C ALA A 164 1.43 -8.14 7.62
N ALA A 165 1.91 -7.51 8.68
CA ALA A 165 3.14 -6.72 8.66
C ALA A 165 4.34 -7.45 8.08
N ASN A 166 4.36 -8.78 8.18
CA ASN A 166 5.47 -9.55 7.61
C ASN A 166 5.20 -9.92 6.17
N GLY A 167 4.06 -9.47 5.65
CA GLY A 167 3.74 -9.64 4.23
C GLY A 167 2.94 -10.90 3.87
N TRP A 168 2.76 -11.81 4.81
CA TRP A 168 1.97 -13.00 4.55
C TRP A 168 0.47 -12.66 4.52
N VAL A 169 -0.30 -13.28 3.62
CA VAL A 169 -1.74 -13.03 3.59
C VAL A 169 -2.38 -13.42 4.91
N GLU A 170 -3.37 -12.63 5.35
CA GLU A 170 -4.21 -12.98 6.48
C GLU A 170 -5.08 -14.14 6.02
N PRO A 171 -4.91 -15.32 6.64
CA PRO A 171 -5.49 -16.57 6.15
C PRO A 171 -7.01 -16.51 6.03
N ALA A 172 -7.67 -15.79 6.91
CA ALA A 172 -9.10 -15.69 6.84
C ALA A 172 -9.58 -15.04 5.56
N THR A 173 -8.75 -14.17 4.97
CA THR A 173 -9.18 -13.50 3.75
C THR A 173 -8.87 -14.36 2.54
N ALA A 174 -8.17 -15.48 2.76
CA ALA A 174 -7.83 -16.34 1.63
C ALA A 174 -8.27 -17.76 1.93
N PRO A 175 -9.59 -17.95 1.99
CA PRO A 175 -10.04 -19.24 2.49
C PRO A 175 -9.83 -20.32 1.43
N ASN A 176 -9.50 -21.54 1.84
CA ASN A 176 -9.45 -22.68 0.90
C ASN A 176 -8.56 -22.43 -0.34
N PHE A 177 -7.38 -21.84 -0.09
CA PHE A 177 -6.45 -21.49 -1.16
C PHE A 177 -5.53 -22.66 -1.54
N GLY A 178 -5.65 -23.76 -0.80
CA GLY A 178 -4.95 -25.00 -1.11
C GLY A 178 -3.45 -24.81 -1.06
N PRO A 179 -2.74 -25.19 -2.13
CA PRO A 179 -1.30 -25.00 -2.20
C PRO A 179 -0.89 -23.54 -2.52
N LEU A 180 -1.83 -22.65 -2.81
CA LEU A 180 -1.42 -21.27 -3.13
C LEU A 180 -0.96 -20.50 -1.87
N LYS A 181 0.31 -20.08 -1.85
CA LYS A 181 0.82 -19.31 -0.69
C LYS A 181 1.09 -17.90 -1.10
N VAL A 182 0.27 -17.00 -0.61
CA VAL A 182 0.21 -15.65 -1.14
C VAL A 182 0.98 -14.68 -0.21
N PHE A 183 1.87 -13.88 -0.80
CA PHE A 183 2.83 -13.05 -0.08
C PHE A 183 2.85 -11.67 -0.73
N TYR A 184 2.64 -10.63 0.08
CA TYR A 184 2.79 -9.29 -0.45
C TYR A 184 4.19 -8.79 -0.11
N PRO A 185 5.05 -8.64 -1.13
CA PRO A 185 6.47 -8.38 -0.85
C PRO A 185 6.86 -6.91 -0.60
N GLY A 186 5.89 -5.98 -0.67
CA GLY A 186 6.18 -4.54 -0.62
C GLY A 186 5.98 -3.91 -1.99
N PRO A 187 5.91 -2.56 -2.06
CA PRO A 187 5.71 -1.89 -3.34
C PRO A 187 6.91 -2.14 -4.24
N GLY A 188 6.67 -2.33 -5.52
CA GLY A 188 7.76 -2.59 -6.47
C GLY A 188 7.38 -2.19 -7.88
N HIS A 189 6.98 -3.18 -8.67
CA HIS A 189 6.48 -2.92 -10.01
C HIS A 189 5.24 -2.03 -9.92
N THR A 190 4.42 -2.29 -8.91
CA THR A 190 3.33 -1.40 -8.48
C THR A 190 3.23 -1.40 -6.96
N SER A 191 2.30 -0.62 -6.43
CA SER A 191 2.01 -0.63 -4.98
C SER A 191 1.38 -1.92 -4.53
N ASP A 192 0.63 -2.53 -5.43
CA ASP A 192 -0.24 -3.59 -5.04
C ASP A 192 0.28 -4.98 -5.36
N ASN A 193 1.38 -5.06 -6.11
CA ASN A 193 1.83 -6.38 -6.61
C ASN A 193 1.91 -7.42 -5.54
N ILE A 194 1.30 -8.56 -5.80
CA ILE A 194 1.41 -9.68 -4.88
C ILE A 194 2.08 -10.86 -5.60
N THR A 195 2.50 -11.86 -4.83
CA THR A 195 3.27 -12.98 -5.37
C THR A 195 2.66 -14.28 -4.82
N VAL A 196 2.87 -15.39 -5.53
CA VAL A 196 2.29 -16.68 -5.10
C VAL A 196 3.28 -17.82 -5.18
N GLY A 197 3.43 -18.56 -4.08
CA GLY A 197 4.23 -19.79 -4.08
C GLY A 197 3.28 -20.97 -4.24
N ILE A 198 3.72 -22.07 -4.87
CA ILE A 198 2.86 -23.27 -5.00
C ILE A 198 3.42 -24.37 -4.11
N ASP A 199 2.79 -24.62 -2.98
CA ASP A 199 3.19 -25.77 -2.17
C ASP A 199 3.28 -27.05 -2.96
N GLY A 200 4.27 -27.85 -2.62
CA GLY A 200 4.38 -29.21 -3.12
C GLY A 200 5.10 -29.25 -4.43
N THR A 201 5.46 -28.06 -4.92
CA THR A 201 6.29 -27.92 -6.10
C THR A 201 7.49 -27.03 -5.81
N ASP A 202 8.30 -26.81 -6.84
CA ASP A 202 9.48 -25.97 -6.81
C ASP A 202 9.18 -24.56 -7.27
N ILE A 203 7.92 -24.26 -7.51
CA ILE A 203 7.59 -23.04 -8.23
C ILE A 203 7.20 -21.89 -7.30
N ALA A 204 7.74 -20.70 -7.55
CA ALA A 204 7.14 -19.47 -7.00
C ALA A 204 6.90 -18.47 -8.13
N PHE A 205 5.78 -17.77 -8.05
CA PHE A 205 5.38 -16.88 -9.12
C PHE A 205 5.57 -15.45 -8.67
N GLY A 206 6.49 -14.75 -9.32
CA GLY A 206 6.75 -13.35 -9.03
C GLY A 206 5.87 -12.31 -9.72
N GLY A 207 5.12 -12.72 -10.73
CA GLY A 207 4.24 -11.74 -11.40
C GLY A 207 5.13 -10.78 -12.16
N CYS A 208 4.72 -9.52 -12.28
CA CYS A 208 5.52 -8.53 -13.02
C CYS A 208 6.65 -7.91 -12.20
N LEU A 209 6.66 -8.17 -10.90
CA LEU A 209 7.78 -7.75 -10.07
C LEU A 209 9.13 -8.26 -10.61
N ILE A 210 9.21 -9.53 -10.99
CA ILE A 210 10.50 -10.14 -11.35
C ILE A 210 10.67 -10.26 -12.87
N LYS A 211 11.89 -9.99 -13.34
CA LYS A 211 12.28 -10.18 -14.76
C LYS A 211 13.40 -11.19 -14.77
N ASP A 212 13.61 -11.87 -15.89
CA ASP A 212 14.59 -12.97 -15.96
C ASP A 212 16.04 -12.47 -15.81
N SER A 213 16.99 -13.39 -15.69
CA SER A 213 18.39 -13.02 -15.41
C SER A 213 19.10 -12.30 -16.55
N LYS A 214 18.43 -12.19 -17.71
CA LYS A 214 19.08 -11.64 -18.89
C LYS A 214 18.37 -10.37 -19.35
N ALA A 215 17.38 -9.93 -18.57
CA ALA A 215 16.58 -8.76 -18.94
C ALA A 215 17.45 -7.51 -18.97
N LYS A 216 17.11 -6.55 -19.83
CA LYS A 216 17.94 -5.36 -20.08
C LYS A 216 17.53 -4.19 -19.20
N SER A 217 16.30 -4.29 -18.67
CA SER A 217 15.69 -3.18 -17.94
C SER A 217 14.51 -3.73 -17.10
N LEU A 218 13.89 -2.86 -16.30
CA LEU A 218 12.74 -3.22 -15.47
C LEU A 218 11.42 -2.90 -16.19
N GLY A 219 11.49 -2.53 -17.46
CA GLY A 219 10.30 -2.25 -18.26
C GLY A 219 9.58 -0.99 -17.82
N ASN A 220 8.31 -0.87 -18.18
CA ASN A 220 7.49 0.29 -17.83
C ASN A 220 7.48 0.44 -16.32
N LEU A 221 7.99 1.58 -15.88
CA LEU A 221 8.17 1.90 -14.48
C LEU A 221 7.23 3.03 -14.09
N GLY A 222 6.21 3.29 -14.90
CA GLY A 222 5.28 4.38 -14.66
C GLY A 222 4.58 4.28 -13.31
N ASP A 223 4.22 3.06 -12.92
CA ASP A 223 3.57 2.81 -11.62
C ASP A 223 4.54 2.39 -10.50
N ALA A 224 5.85 2.34 -10.80
CA ALA A 224 6.87 1.74 -9.94
C ALA A 224 7.25 2.56 -8.70
N ASP A 225 7.49 1.87 -7.58
CA ASP A 225 8.10 2.46 -6.38
C ASP A 225 9.61 2.16 -6.46
N THR A 226 10.41 3.13 -6.87
CA THR A 226 11.78 2.84 -7.31
C THR A 226 12.71 2.69 -6.12
N GLU A 227 12.23 3.17 -4.98
CA GLU A 227 12.91 3.11 -3.69
C GLU A 227 12.75 1.75 -3.00
N HIS A 228 11.62 1.09 -3.18
CA HIS A 228 11.39 -0.13 -2.44
C HIS A 228 11.54 -1.37 -3.27
N TYR A 229 11.55 -1.18 -4.59
CA TYR A 229 11.60 -2.29 -5.56
C TYR A 229 12.65 -3.35 -5.19
N ALA A 230 13.89 -2.92 -4.97
CA ALA A 230 14.98 -3.86 -4.71
C ALA A 230 14.69 -4.74 -3.51
N ALA A 231 14.22 -4.12 -2.44
CA ALA A 231 13.96 -4.81 -1.18
C ALA A 231 12.76 -5.74 -1.31
N SER A 232 11.81 -5.29 -2.12
CA SER A 232 10.62 -6.05 -2.37
C SER A 232 10.92 -7.30 -3.19
N ALA A 233 11.77 -7.18 -4.21
CA ALA A 233 12.25 -8.39 -4.90
C ALA A 233 12.97 -9.33 -3.93
N ARG A 234 13.83 -8.78 -3.08
CA ARG A 234 14.52 -9.62 -2.11
C ARG A 234 13.55 -10.30 -1.18
N ALA A 235 12.56 -9.54 -0.71
CA ALA A 235 11.52 -10.06 0.19
C ALA A 235 10.79 -11.23 -0.44
N PHE A 236 10.64 -11.19 -1.76
CA PHE A 236 9.98 -12.30 -2.49
C PHE A 236 10.83 -13.56 -2.40
N GLY A 237 12.11 -13.41 -2.70
CA GLY A 237 13.05 -14.53 -2.70
C GLY A 237 13.20 -15.12 -1.32
N ALA A 238 13.12 -14.27 -0.30
CA ALA A 238 13.21 -14.71 1.07
C ALA A 238 11.92 -15.41 1.51
N ALA A 239 10.79 -14.99 0.96
CA ALA A 239 9.53 -15.60 1.33
C ALA A 239 9.39 -17.06 0.81
N PHE A 240 10.12 -17.37 -0.26
CA PHE A 240 10.06 -18.69 -0.87
C PHE A 240 11.48 -19.17 -1.10
N PRO A 241 12.20 -19.45 -0.01
CA PRO A 241 13.63 -19.60 -0.13
C PRO A 241 14.06 -20.91 -0.80
N LYS A 242 13.16 -21.88 -0.89
CA LYS A 242 13.49 -23.17 -1.51
C LYS A 242 13.06 -23.27 -2.97
N ALA A 243 12.29 -22.29 -3.46
CA ALA A 243 11.78 -22.31 -4.82
C ALA A 243 12.94 -22.23 -5.80
N SER A 244 13.00 -23.19 -6.69
CA SER A 244 14.06 -23.22 -7.68
C SER A 244 13.56 -22.84 -9.09
N MET A 245 12.25 -22.79 -9.31
CA MET A 245 11.78 -22.33 -10.61
C MET A 245 10.96 -21.04 -10.43
N ILE A 246 11.44 -19.93 -10.99
CA ILE A 246 10.83 -18.65 -10.72
C ILE A 246 10.05 -18.24 -11.94
N VAL A 247 8.74 -18.14 -11.77
CA VAL A 247 7.87 -17.86 -12.89
C VAL A 247 7.49 -16.39 -12.86
N MET A 248 7.52 -15.76 -14.03
CA MET A 248 7.19 -14.35 -14.10
C MET A 248 6.30 -13.98 -15.28
N SER A 249 5.90 -12.71 -15.31
CA SER A 249 4.87 -12.28 -16.24
C SER A 249 5.41 -12.13 -17.66
N HIS A 250 6.59 -11.53 -17.78
CA HIS A 250 7.15 -11.20 -19.10
C HIS A 250 8.53 -11.82 -19.45
N SER A 251 8.85 -12.98 -18.86
CA SER A 251 9.98 -13.81 -19.32
C SER A 251 9.63 -15.27 -19.08
N ALA A 252 10.27 -16.19 -19.82
CA ALA A 252 10.13 -17.65 -19.58
C ALA A 252 10.58 -18.01 -18.17
N PRO A 253 10.13 -19.16 -17.63
CA PRO A 253 10.59 -19.50 -16.30
C PRO A 253 12.12 -19.51 -16.20
N ASP A 254 12.65 -19.17 -15.02
CA ASP A 254 14.08 -18.99 -14.81
C ASP A 254 14.43 -19.55 -13.45
N SER A 255 15.72 -19.51 -13.12
CA SER A 255 16.14 -19.89 -11.80
C SER A 255 16.15 -18.65 -10.90
N ARG A 256 16.53 -18.85 -9.63
CA ARG A 256 16.61 -17.81 -8.62
C ARG A 256 17.44 -16.59 -9.00
N ALA A 257 18.41 -16.78 -9.89
CA ALA A 257 19.18 -15.69 -10.46
C ALA A 257 18.30 -14.58 -11.04
N ALA A 258 17.05 -14.87 -11.40
CA ALA A 258 16.13 -13.79 -11.85
C ALA A 258 15.82 -12.81 -10.69
N ILE A 259 15.80 -13.35 -9.49
CA ILE A 259 15.47 -12.56 -8.31
C ILE A 259 16.59 -11.57 -8.03
N THR A 260 17.82 -12.09 -7.96
CA THR A 260 18.97 -11.26 -7.64
C THR A 260 19.21 -10.27 -8.76
N HIS A 261 19.10 -10.75 -10.01
CA HIS A 261 19.23 -9.85 -11.17
C HIS A 261 18.20 -8.68 -11.13
N THR A 262 16.97 -8.97 -10.71
CA THR A 262 15.93 -7.93 -10.65
C THR A 262 16.29 -6.93 -9.57
N ALA A 263 16.67 -7.46 -8.40
CA ALA A 263 17.13 -6.64 -7.27
C ALA A 263 18.28 -5.70 -7.62
N ARG A 264 19.35 -6.23 -8.21
CA ARG A 264 20.41 -5.37 -8.72
C ARG A 264 19.93 -4.29 -9.67
N MET A 265 19.11 -4.65 -10.66
CA MET A 265 18.60 -3.61 -11.55
C MET A 265 17.75 -2.59 -10.80
N ALA A 266 17.06 -3.03 -9.75
CA ALA A 266 16.27 -2.06 -9.00
C ALA A 266 17.21 -1.14 -8.20
N ASP A 267 18.28 -1.71 -7.66
CA ASP A 267 19.26 -0.88 -6.97
C ASP A 267 19.96 0.12 -7.89
N LYS A 268 20.35 -0.29 -9.10
CA LYS A 268 21.00 0.63 -10.06
C LYS A 268 20.13 1.82 -10.35
N LEU A 269 18.84 1.57 -10.54
CA LEU A 269 17.88 2.62 -10.83
C LEU A 269 17.68 3.55 -9.64
N ARG A 270 17.56 2.99 -8.45
CA ARG A 270 17.47 3.78 -7.23
C ARG A 270 18.64 4.77 -7.09
N LEU A 271 19.82 4.40 -7.59
CA LEU A 271 21.02 5.23 -7.34
C LEU A 271 21.21 6.40 -8.32
N VAL A 272 20.34 6.51 -9.32
CA VAL A 272 20.46 7.61 -10.29
C VAL A 272 19.66 8.86 -9.93
N THR B 34 7.66 22.55 33.24
CA THR B 34 7.50 23.39 31.98
C THR B 34 6.23 24.23 31.98
N ILE B 35 6.38 25.54 31.91
CA ILE B 35 5.20 26.34 31.63
C ILE B 35 5.14 26.76 30.17
N GLY B 36 3.92 26.74 29.61
CA GLY B 36 3.69 27.16 28.24
C GLY B 36 4.22 28.57 28.00
N GLN B 37 4.69 28.83 26.79
CA GLN B 37 4.87 30.20 26.36
C GLN B 37 3.73 30.54 25.43
N GLN B 38 2.76 31.27 25.94
CA GLN B 38 1.67 31.76 25.11
C GLN B 38 2.15 32.71 24.03
N MET B 39 1.62 32.54 22.83
CA MET B 39 1.92 33.48 21.76
C MET B 39 0.68 34.23 21.35
N GLU B 40 0.91 35.49 21.00
CA GLU B 40 0.07 36.33 20.14
C GLU B 40 -0.97 35.55 19.28
N THR B 41 -0.46 34.51 18.60
CA THR B 41 -1.15 33.77 17.54
C THR B 41 -2.03 32.66 18.10
N GLY B 42 -1.98 32.47 19.42
CA GLY B 42 -2.77 31.42 20.09
C GLY B 42 -2.11 30.05 20.10
N ASP B 43 -0.88 29.98 19.62
CA ASP B 43 -0.04 28.82 19.80
C ASP B 43 0.53 28.88 21.20
N GLN B 44 0.92 27.72 21.71
CA GLN B 44 1.56 27.60 23.01
C GLN B 44 2.89 26.88 22.78
N ARG B 45 4.00 27.56 23.05
CA ARG B 45 5.32 26.93 23.07
C ARG B 45 5.50 26.15 24.39
N PHE B 46 6.18 25.03 24.32
CA PHE B 46 6.33 24.17 25.49
C PHE B 46 7.57 23.34 25.21
N GLY B 47 8.71 23.77 25.77
CA GLY B 47 9.98 23.20 25.34
C GLY B 47 10.27 23.60 23.91
N ASP B 48 10.64 22.61 23.09
CA ASP B 48 10.97 22.78 21.66
C ASP B 48 9.72 22.53 20.81
N LEU B 49 8.58 22.34 21.46
CA LEU B 49 7.33 21.95 20.80
C LEU B 49 6.32 23.11 20.77
N VAL B 50 5.31 22.96 19.93
CA VAL B 50 4.20 23.92 19.89
C VAL B 50 2.88 23.14 19.93
N PHE B 51 1.94 23.62 20.71
CA PHE B 51 0.62 23.02 20.82
C PHE B 51 -0.38 24.13 20.49
N ARG B 52 -1.35 23.80 19.62
CA ARG B 52 -2.41 24.74 19.30
C ARG B 52 -3.72 24.02 19.48
N GLN B 53 -4.67 24.60 20.21
CA GLN B 53 -5.99 23.99 20.32
C GLN B 53 -6.88 24.25 19.08
N LEU B 54 -7.53 23.21 18.58
CA LEU B 54 -8.27 23.31 17.32
C LEU B 54 -9.79 23.17 17.55
N ALA B 55 -10.14 22.51 18.64
CA ALA B 55 -11.54 22.30 19.00
C ALA B 55 -11.59 21.99 20.51
N PRO B 56 -12.79 21.94 21.11
CA PRO B 56 -12.75 21.76 22.57
C PRO B 56 -11.96 20.51 23.03
N ASN B 57 -11.94 19.48 22.20
CA ASN B 57 -11.23 18.23 22.51
C ASN B 57 -10.07 17.88 21.55
N VAL B 58 -9.55 18.84 20.80
CA VAL B 58 -8.56 18.48 19.80
C VAL B 58 -7.41 19.47 19.75
N TRP B 59 -6.18 18.99 19.69
CA TRP B 59 -5.01 19.88 19.65
C TRP B 59 -4.09 19.36 18.62
N GLN B 60 -3.27 20.27 18.11
CA GLN B 60 -2.26 19.98 17.12
C GLN B 60 -0.94 20.01 17.82
N HIS B 61 -0.17 18.91 17.74
CA HIS B 61 1.24 18.96 18.14
C HIS B 61 2.19 19.28 16.99
N THR B 62 3.15 20.18 17.25
CA THR B 62 4.17 20.57 16.27
C THR B 62 5.59 20.38 16.83
N SER B 63 6.41 19.59 16.14
CA SER B 63 7.77 19.41 16.56
C SER B 63 8.71 19.69 15.37
N TYR B 64 10.00 19.88 15.65
CA TYR B 64 10.92 20.45 14.65
C TYR B 64 12.20 19.69 14.57
N LEU B 65 12.65 19.44 13.35
CA LEU B 65 13.93 18.84 13.12
C LEU B 65 14.71 19.72 12.18
N ASP B 66 15.84 20.26 12.65
CA ASP B 66 16.79 20.92 11.76
C ASP B 66 17.25 20.00 10.62
N MET B 67 16.85 20.32 9.39
CA MET B 67 17.47 19.75 8.20
C MET B 67 18.36 20.83 7.59
N PRO B 68 19.74 20.63 7.54
CA PRO B 68 20.65 21.67 7.06
C PRO B 68 20.34 22.16 5.62
N GLY B 69 20.40 23.40 5.34
CA GLY B 69 21.07 24.32 6.23
C GLY B 69 20.41 24.53 7.59
N PHE B 70 20.10 25.78 7.90
CA PHE B 70 19.51 26.11 9.20
C PHE B 70 18.05 25.63 9.34
N GLY B 71 17.45 25.23 8.21
CA GLY B 71 16.01 24.94 8.12
C GLY B 71 15.38 23.97 9.10
N ALA B 72 14.80 24.51 10.16
CA ALA B 72 14.01 23.75 11.15
C ALA B 72 12.62 23.35 10.63
N VAL B 73 12.47 22.11 10.22
CA VAL B 73 11.24 21.64 9.61
C VAL B 73 10.16 21.18 10.59
N ALA B 74 9.06 21.91 10.58
CA ALA B 74 7.88 21.64 11.38
C ALA B 74 7.21 20.35 10.93
N SER B 75 6.72 19.56 11.89
CA SER B 75 5.76 18.48 11.61
C SER B 75 4.60 18.44 12.60
N ASN B 76 3.38 18.34 12.07
CA ASN B 76 2.17 18.30 12.89
C ASN B 76 1.57 16.92 13.07
N GLY B 77 0.98 16.70 14.23
CA GLY B 77 0.12 15.54 14.45
C GLY B 77 -0.99 16.05 15.36
N LEU B 78 -1.73 15.12 15.98
CA LEU B 78 -2.93 15.46 16.75
C LEU B 78 -3.02 14.77 18.09
N ILE B 79 -3.72 15.39 19.04
CA ILE B 79 -4.02 14.82 20.36
C ILE B 79 -5.52 15.08 20.57
N VAL B 80 -6.26 14.04 20.92
CA VAL B 80 -7.71 14.07 20.97
C VAL B 80 -8.16 13.50 22.30
N ARG B 81 -8.96 14.28 23.03
CA ARG B 81 -9.57 13.85 24.27
C ARG B 81 -10.88 13.17 23.96
N ASP B 82 -10.96 11.89 24.31
CA ASP B 82 -12.16 11.11 24.10
C ASP B 82 -12.70 10.64 25.45
N GLY B 83 -13.64 11.40 26.01
CA GLY B 83 -14.13 11.13 27.37
C GLY B 83 -12.96 11.02 28.35
N GLY B 84 -12.85 9.83 28.95
CA GLY B 84 -11.81 9.55 29.93
C GLY B 84 -10.41 9.28 29.43
N ARG B 85 -10.15 9.38 28.12
CA ARG B 85 -8.85 9.01 27.61
C ARG B 85 -8.34 9.95 26.52
N VAL B 86 -7.04 9.87 26.27
CA VAL B 86 -6.45 10.61 25.19
C VAL B 86 -5.99 9.66 24.06
N LEU B 87 -6.12 10.16 22.84
CA LEU B 87 -5.72 9.45 21.65
C LEU B 87 -4.76 10.33 20.89
N VAL B 88 -3.62 9.77 20.48
CA VAL B 88 -2.61 10.50 19.73
C VAL B 88 -2.54 10.03 18.26
N VAL B 89 -2.38 11.01 17.36
CA VAL B 89 -2.13 10.74 15.96
C VAL B 89 -0.76 11.31 15.63
N ASP B 90 0.15 10.39 15.32
CA ASP B 90 1.56 10.65 14.95
C ASP B 90 2.43 10.97 16.16
N THR B 91 3.67 10.50 16.08
CA THR B 91 4.71 10.82 17.06
C THR B 91 5.36 12.11 16.58
N ALA B 92 6.38 12.60 17.28
CA ALA B 92 7.27 13.67 16.75
C ALA B 92 8.48 13.09 16.00
N TRP B 93 9.37 13.95 15.51
CA TRP B 93 10.60 13.52 14.86
C TRP B 93 11.48 12.57 15.70
N THR B 94 11.51 12.81 17.01
CA THR B 94 12.35 12.00 17.92
C THR B 94 11.59 11.36 19.09
N ASP B 95 12.25 10.38 19.70
CA ASP B 95 11.80 9.81 20.98
C ASP B 95 11.67 10.91 22.05
N ASP B 96 12.69 11.77 22.19
CA ASP B 96 12.62 12.79 23.22
C ASP B 96 11.48 13.76 23.06
N GLN B 97 11.33 14.30 21.83
CA GLN B 97 10.20 15.16 21.52
C GLN B 97 8.88 14.44 21.77
N THR B 98 8.81 13.16 21.47
CA THR B 98 7.59 12.42 21.70
C THR B 98 7.33 12.28 23.18
N ALA B 99 8.38 12.04 23.98
CA ALA B 99 8.19 12.03 25.43
C ALA B 99 7.67 13.38 25.96
N GLN B 100 8.12 14.48 25.38
CA GLN B 100 7.65 15.83 25.76
C GLN B 100 6.18 16.06 25.44
N ILE B 101 5.74 15.51 24.30
CA ILE B 101 4.32 15.44 23.99
C ILE B 101 3.53 14.79 25.10
N LEU B 102 3.95 13.60 25.53
CA LEU B 102 3.32 12.91 26.68
C LEU B 102 3.37 13.70 28.00
N ASN B 103 4.44 14.48 28.23
CA ASN B 103 4.51 15.35 29.43
C ASN B 103 3.49 16.48 29.35
N TRP B 104 3.40 17.09 28.16
CA TRP B 104 2.42 18.12 27.91
C TRP B 104 1.02 17.58 28.15
N ILE B 105 0.71 16.36 27.73
CA ILE B 105 -0.61 15.77 27.97
C ILE B 105 -0.90 15.56 29.46
N LYS B 106 0.04 14.97 30.15
CA LYS B 106 0.02 14.77 31.60
C LYS B 106 -0.28 16.08 32.32
N GLN B 107 0.35 17.15 31.87
CA GLN B 107 0.32 18.39 32.55
C GLN B 107 -0.96 19.14 32.27
N GLU B 108 -1.35 19.20 31.00
CA GLU B 108 -2.45 20.05 30.59
C GLU B 108 -3.77 19.33 30.52
N ILE B 109 -3.75 18.01 30.35
CA ILE B 109 -4.99 17.21 30.21
C ILE B 109 -5.18 16.20 31.36
N ASN B 110 -4.12 15.47 31.70
CA ASN B 110 -4.10 14.59 32.87
C ASN B 110 -5.08 13.44 32.74
N LEU B 111 -5.06 12.86 31.55
CA LEU B 111 -5.79 11.62 31.26
C LEU B 111 -4.81 10.61 30.67
N PRO B 112 -5.10 9.32 30.82
CA PRO B 112 -4.14 8.41 30.20
C PRO B 112 -4.25 8.35 28.65
N VAL B 113 -3.13 8.13 27.97
CA VAL B 113 -3.13 7.99 26.53
C VAL B 113 -3.39 6.54 26.20
N ALA B 114 -4.53 6.25 25.59
CA ALA B 114 -4.92 4.86 25.40
C ALA B 114 -4.32 4.21 24.16
N LEU B 115 -4.05 5.01 23.13
CA LEU B 115 -3.55 4.49 21.87
C LEU B 115 -3.00 5.61 21.00
N ALA B 116 -2.12 5.24 20.07
CA ALA B 116 -1.62 6.13 19.06
C ALA B 116 -1.78 5.49 17.70
N VAL B 117 -2.14 6.29 16.72
CA VAL B 117 -2.10 5.86 15.35
C VAL B 117 -1.14 6.75 14.58
N VAL B 118 -0.26 6.14 13.79
CA VAL B 118 0.75 6.88 13.06
C VAL B 118 0.59 6.71 11.54
N THR B 119 0.81 7.77 10.79
CA THR B 119 0.19 7.86 9.48
C THR B 119 1.04 7.48 8.25
N HIS B 120 2.35 7.28 8.43
CA HIS B 120 3.13 6.49 7.49
C HIS B 120 4.51 6.33 8.03
N ALA B 121 5.24 5.41 7.43
CA ALA B 121 6.58 5.08 7.85
C ALA B 121 7.67 6.10 7.37
N HIS B 122 7.57 7.33 7.84
CA HIS B 122 8.65 8.34 7.74
C HIS B 122 8.98 8.92 9.13
N GLN B 123 10.15 9.55 9.28
CA GLN B 123 10.65 9.88 10.61
C GLN B 123 9.78 10.87 11.37
N ASP B 124 9.17 11.81 10.64
CA ASP B 124 8.30 12.80 11.27
C ASP B 124 7.07 12.18 11.88
N LYS B 125 6.71 10.97 11.47
CA LYS B 125 5.46 10.34 11.89
C LYS B 125 5.63 9.22 12.86
N MET B 126 6.76 8.52 12.74
CA MET B 126 6.98 7.30 13.48
C MET B 126 8.31 7.35 14.18
N GLY B 127 8.96 8.50 14.15
CA GLY B 127 10.30 8.64 14.74
C GLY B 127 10.33 8.38 16.23
N GLY B 128 9.17 8.37 16.86
CA GLY B 128 9.14 8.32 18.31
C GLY B 128 8.36 7.15 18.87
N MET B 129 8.20 6.08 18.08
CA MET B 129 7.52 4.88 18.54
C MET B 129 8.07 4.35 19.85
N ASP B 130 9.38 4.26 20.01
CA ASP B 130 9.93 3.72 21.28
C ASP B 130 9.42 4.49 22.50
N ALA B 131 9.36 5.82 22.42
CA ALA B 131 8.83 6.59 23.54
C ALA B 131 7.39 6.18 23.88
N LEU B 132 6.54 5.96 22.86
CA LEU B 132 5.17 5.57 23.13
C LEU B 132 5.21 4.21 23.82
N HIS B 133 6.06 3.32 23.29
CA HIS B 133 6.12 1.96 23.84
C HIS B 133 6.57 1.92 25.30
N ALA B 134 7.58 2.72 25.66
CA ALA B 134 8.04 2.81 27.07
C ALA B 134 6.94 3.31 28.02
N ALA B 135 6.01 4.10 27.51
CA ALA B 135 4.92 4.61 28.35
C ALA B 135 3.68 3.69 28.36
N GLY B 136 3.79 2.58 27.64
CA GLY B 136 2.77 1.54 27.66
C GLY B 136 1.58 1.86 26.77
N ILE B 137 1.83 2.69 25.77
CA ILE B 137 0.80 3.11 24.84
C ILE B 137 0.71 2.15 23.66
N ALA B 138 -0.48 1.57 23.47
CA ALA B 138 -0.77 0.70 22.31
C ALA B 138 -0.64 1.46 20.99
N THR B 139 0.10 0.92 20.03
CA THR B 139 0.30 1.63 18.78
C THR B 139 -0.24 0.91 17.53
N TYR B 140 -0.76 1.73 16.61
CA TYR B 140 -1.38 1.26 15.35
C TYR B 140 -0.77 1.99 14.18
N ALA B 141 -0.61 1.24 13.09
CA ALA B 141 -0.08 1.76 11.85
C ALA B 141 -0.74 0.93 10.74
N ASN B 142 -0.68 1.44 9.51
CA ASN B 142 -1.08 0.65 8.34
C ASN B 142 -0.19 -0.56 8.34
N ALA B 143 -0.74 -1.74 8.08
CA ALA B 143 0.16 -2.90 7.96
C ALA B 143 1.36 -2.60 7.04
N LEU B 144 1.13 -1.97 5.89
CA LEU B 144 2.26 -1.64 4.99
C LEU B 144 3.32 -0.77 5.67
N SER B 145 2.89 0.14 6.56
CA SER B 145 3.82 0.99 7.32
C SER B 145 4.69 0.12 8.23
N ASN B 146 4.09 -0.89 8.84
CA ASN B 146 4.84 -1.81 9.68
C ASN B 146 5.83 -2.68 8.88
N GLN B 147 5.42 -3.05 7.67
CA GLN B 147 6.30 -3.79 6.76
C GLN B 147 7.45 -2.91 6.25
N LEU B 148 7.16 -1.65 5.92
CA LEU B 148 8.23 -0.73 5.48
C LEU B 148 9.11 -0.27 6.66
N ALA B 149 8.57 -0.35 7.87
CA ALA B 149 9.25 0.20 9.06
C ALA B 149 10.77 -0.07 9.08
N PRO B 150 11.21 -1.34 9.06
CA PRO B 150 12.69 -1.61 9.09
C PRO B 150 13.52 -0.92 8.01
N GLN B 151 13.10 -0.99 6.74
CA GLN B 151 13.92 -0.39 5.69
C GLN B 151 14.04 1.11 5.91
N GLU B 152 12.96 1.73 6.39
CA GLU B 152 12.89 3.18 6.60
C GLU B 152 13.58 3.61 7.89
N GLY B 153 14.04 2.64 8.69
CA GLY B 153 14.71 2.93 9.93
C GLY B 153 13.78 3.25 11.06
N MET B 154 12.52 2.80 10.98
CA MET B 154 11.54 3.09 12.04
C MET B 154 11.36 1.87 12.91
N VAL B 155 10.93 2.03 14.15
CA VAL B 155 10.40 0.90 14.92
C VAL B 155 8.94 0.66 14.53
N ALA B 156 8.55 -0.59 14.28
CA ALA B 156 7.16 -0.80 13.83
C ALA B 156 6.18 -0.55 14.97
N ALA B 157 4.98 -0.09 14.63
CA ALA B 157 3.91 -0.03 15.61
C ALA B 157 3.55 -1.46 16.03
N GLN B 158 2.79 -1.59 17.12
CA GLN B 158 2.51 -2.91 17.66
C GLN B 158 1.43 -3.66 16.87
N HIS B 159 0.43 -2.93 16.40
CA HIS B 159 -0.66 -3.53 15.66
C HIS B 159 -0.79 -2.96 14.25
N SER B 160 -1.25 -3.79 13.32
CA SER B 160 -1.44 -3.39 11.92
C SER B 160 -2.91 -3.12 11.58
N LEU B 161 -3.17 -2.00 10.91
CA LEU B 161 -4.46 -1.71 10.29
C LEU B 161 -4.49 -2.27 8.85
N THR B 162 -5.64 -2.80 8.46
CA THR B 162 -5.93 -3.21 7.10
C THR B 162 -7.18 -2.46 6.66
N PHE B 163 -7.37 -2.39 5.36
CA PHE B 163 -8.40 -1.55 4.79
C PHE B 163 -9.27 -2.30 3.80
N ALA B 164 -10.56 -2.01 3.81
CA ALA B 164 -11.45 -2.45 2.76
C ALA B 164 -11.07 -1.88 1.39
N ALA B 165 -11.76 -2.33 0.33
CA ALA B 165 -11.41 -1.97 -1.03
C ALA B 165 -11.85 -0.56 -1.28
N ASN B 166 -12.76 -0.05 -0.45
CA ASN B 166 -13.19 1.34 -0.56
C ASN B 166 -12.36 2.28 0.31
N GLY B 167 -11.29 1.76 0.91
CA GLY B 167 -10.37 2.61 1.67
C GLY B 167 -10.66 2.72 3.16
N TRP B 168 -11.88 2.41 3.59
CA TRP B 168 -12.24 2.52 5.01
C TRP B 168 -11.57 1.42 5.81
N VAL B 169 -11.03 1.79 6.96
CA VAL B 169 -10.31 0.84 7.79
C VAL B 169 -11.22 -0.35 8.14
N GLU B 170 -10.63 -1.52 8.27
CA GLU B 170 -11.42 -2.66 8.75
C GLU B 170 -11.69 -2.45 10.25
N PRO B 171 -12.97 -2.28 10.65
CA PRO B 171 -13.26 -1.98 12.08
C PRO B 171 -12.58 -2.98 13.04
N ALA B 172 -12.48 -4.23 12.64
CA ALA B 172 -11.92 -5.22 13.56
C ALA B 172 -10.45 -4.95 13.88
N THR B 173 -9.74 -4.18 13.05
CA THR B 173 -8.29 -3.90 13.28
C THR B 173 -8.08 -2.53 13.93
N ALA B 174 -9.16 -1.78 14.08
CA ALA B 174 -9.14 -0.47 14.74
C ALA B 174 -10.15 -0.44 15.89
N PRO B 175 -9.90 -1.22 16.94
CA PRO B 175 -10.95 -1.35 17.96
C PRO B 175 -10.91 -0.16 18.91
N ASN B 176 -12.08 0.33 19.32
CA ASN B 176 -12.17 1.40 20.31
C ASN B 176 -11.48 2.69 19.93
N PHE B 177 -11.55 3.05 18.64
CA PHE B 177 -10.89 4.28 18.15
C PHE B 177 -11.75 5.52 18.39
N GLY B 178 -12.84 5.35 19.16
CA GLY B 178 -13.68 6.47 19.58
C GLY B 178 -13.97 7.33 18.37
N PRO B 179 -13.61 8.62 18.41
CA PRO B 179 -14.03 9.43 17.26
C PRO B 179 -13.12 9.38 16.03
N LEU B 180 -11.98 8.69 16.10
CA LEU B 180 -11.04 8.58 14.95
C LEU B 180 -11.58 7.76 13.78
N LYS B 181 -11.66 8.34 12.59
CA LYS B 181 -12.10 7.58 11.40
C LYS B 181 -10.91 7.41 10.45
N VAL B 182 -10.38 6.21 10.37
CA VAL B 182 -9.14 6.05 9.64
C VAL B 182 -9.48 5.69 8.18
N PHE B 183 -8.97 6.45 7.22
CA PHE B 183 -9.22 6.20 5.80
C PHE B 183 -7.89 6.09 5.08
N TYR B 184 -7.74 5.06 4.25
CA TYR B 184 -6.59 4.94 3.38
C TYR B 184 -6.96 5.42 1.99
N PRO B 185 -6.41 6.56 1.56
CA PRO B 185 -6.91 7.19 0.33
C PRO B 185 -6.34 6.61 -0.96
N GLY B 186 -5.27 5.82 -0.87
CA GLY B 186 -4.53 5.38 -2.04
C GLY B 186 -3.10 5.87 -1.95
N PRO B 187 -2.19 5.32 -2.78
CA PRO B 187 -0.81 5.78 -2.74
C PRO B 187 -0.71 7.24 -3.21
N GLY B 188 0.12 8.04 -2.55
CA GLY B 188 0.25 9.44 -2.84
C GLY B 188 1.61 9.90 -2.43
N HIS B 189 1.71 10.64 -1.32
CA HIS B 189 2.98 11.02 -0.72
C HIS B 189 3.82 9.75 -0.53
N THR B 190 3.22 8.73 0.08
CA THR B 190 3.83 7.40 0.07
C THR B 190 2.79 6.33 -0.27
N SER B 191 3.31 5.12 -0.39
CA SER B 191 2.49 3.99 -0.66
C SER B 191 1.57 3.71 0.48
N ASP B 192 2.07 3.95 1.69
CA ASP B 192 1.35 3.53 2.88
C ASP B 192 0.54 4.63 3.56
N ASN B 193 0.54 5.85 3.03
CA ASN B 193 -0.07 6.99 3.75
C ASN B 193 -1.57 6.82 4.11
N ILE B 194 -1.93 7.09 5.36
CA ILE B 194 -3.34 7.01 5.76
C ILE B 194 -3.82 8.33 6.33
N THR B 195 -5.12 8.48 6.45
CA THR B 195 -5.63 9.72 6.95
C THR B 195 -6.68 9.48 8.01
N VAL B 196 -7.00 10.54 8.77
CA VAL B 196 -7.82 10.42 9.97
C VAL B 196 -8.80 11.56 10.02
N GLY B 197 -10.08 11.26 10.16
CA GLY B 197 -11.07 12.29 10.42
C GLY B 197 -11.44 12.24 11.89
N ILE B 198 -11.94 13.33 12.42
CA ILE B 198 -12.33 13.35 13.81
C ILE B 198 -13.82 13.49 13.92
N ASP B 199 -14.48 12.42 14.32
CA ASP B 199 -15.93 12.44 14.34
C ASP B 199 -16.49 13.43 15.34
N GLY B 200 -17.55 14.12 14.95
CA GLY B 200 -18.15 15.14 15.79
C GLY B 200 -17.42 16.47 15.79
N THR B 201 -16.48 16.66 14.87
CA THR B 201 -15.79 17.94 14.65
C THR B 201 -15.74 18.25 13.17
N ASP B 202 -15.17 19.40 12.80
CA ASP B 202 -15.03 19.74 11.38
C ASP B 202 -13.63 19.40 10.89
N ILE B 203 -12.95 18.47 11.55
CA ILE B 203 -11.51 18.28 11.33
C ILE B 203 -11.13 17.01 10.56
N ALA B 204 -10.37 17.15 9.48
CA ALA B 204 -9.81 15.94 8.92
C ALA B 204 -8.32 16.14 8.75
N PHE B 205 -7.56 15.07 9.01
CA PHE B 205 -6.11 15.12 9.02
C PHE B 205 -5.58 14.45 7.78
N GLY B 206 -4.90 15.22 6.94
CA GLY B 206 -4.41 14.70 5.67
C GLY B 206 -2.99 14.19 5.76
N GLY B 207 -2.29 14.52 6.84
CA GLY B 207 -0.91 14.09 7.05
C GLY B 207 0.01 14.69 6.03
N CYS B 208 0.99 13.95 5.55
CA CYS B 208 1.83 14.50 4.51
C CYS B 208 1.23 14.36 3.11
N LEU B 209 0.02 13.79 2.99
CA LEU B 209 -0.65 13.71 1.67
C LEU B 209 -0.98 15.10 1.12
N ILE B 210 -1.56 15.94 1.97
CA ILE B 210 -2.10 17.24 1.55
C ILE B 210 -1.08 18.33 1.90
N LYS B 211 -0.88 19.26 0.97
CA LYS B 211 -0.11 20.48 1.19
C LYS B 211 -1.07 21.67 1.16
N ASP B 212 -0.64 22.82 1.68
CA ASP B 212 -1.55 23.96 1.87
C ASP B 212 -1.88 24.61 0.53
N SER B 213 -2.95 25.41 0.50
CA SER B 213 -3.41 26.03 -0.74
C SER B 213 -2.39 26.95 -1.38
N LYS B 214 -1.33 27.32 -0.66
CA LYS B 214 -0.26 28.18 -1.22
C LYS B 214 0.99 27.38 -1.59
N ALA B 215 0.99 26.07 -1.42
CA ALA B 215 2.23 25.32 -1.64
C ALA B 215 2.71 25.55 -3.08
N LYS B 216 4.01 25.56 -3.27
CA LYS B 216 4.61 25.78 -4.58
C LYS B 216 4.87 24.49 -5.31
N SER B 217 5.12 23.44 -4.56
CA SER B 217 5.26 22.10 -5.11
C SER B 217 4.79 21.08 -4.09
N LEU B 218 4.83 19.80 -4.47
CA LEU B 218 4.50 18.73 -3.55
C LEU B 218 5.69 18.38 -2.68
N GLY B 219 6.81 19.06 -2.93
CA GLY B 219 8.06 18.78 -2.20
C GLY B 219 8.70 17.45 -2.59
N ASN B 220 9.32 16.80 -1.62
CA ASN B 220 10.15 15.63 -1.85
C ASN B 220 9.35 14.45 -2.42
N LEU B 221 9.74 14.03 -3.62
CA LEU B 221 8.97 13.05 -4.36
C LEU B 221 9.59 11.65 -4.31
N GLY B 222 10.64 11.49 -3.50
CA GLY B 222 11.41 10.24 -3.45
C GLY B 222 10.57 8.98 -3.46
N ASP B 223 9.68 8.85 -2.48
CA ASP B 223 8.88 7.62 -2.29
C ASP B 223 7.48 7.70 -2.90
N ALA B 224 7.19 8.80 -3.60
CA ALA B 224 5.81 9.14 -3.98
C ALA B 224 5.30 8.30 -5.14
N ASP B 225 3.98 8.24 -5.27
CA ASP B 225 3.32 7.62 -6.40
C ASP B 225 2.69 8.72 -7.30
N THR B 226 3.43 9.17 -8.29
CA THR B 226 2.95 10.26 -9.14
C THR B 226 1.66 9.94 -9.89
N GLU B 227 1.46 8.68 -10.24
CA GLU B 227 0.26 8.31 -11.01
C GLU B 227 -1.07 8.36 -10.22
N HIS B 228 -1.03 8.05 -8.93
CA HIS B 228 -2.27 7.95 -8.19
C HIS B 228 -2.51 9.10 -7.21
N TYR B 229 -1.54 10.02 -7.13
CA TYR B 229 -1.46 11.02 -6.07
C TYR B 229 -2.69 11.91 -6.13
N ALA B 230 -2.99 12.44 -7.32
CA ALA B 230 -4.14 13.30 -7.49
C ALA B 230 -5.46 12.60 -7.08
N ALA B 231 -5.65 11.37 -7.54
CA ALA B 231 -6.84 10.62 -7.17
C ALA B 231 -6.87 10.30 -5.66
N SER B 232 -5.69 10.09 -5.07
CA SER B 232 -5.63 9.81 -3.64
C SER B 232 -6.09 11.04 -2.82
N ALA B 233 -5.63 12.23 -3.21
CA ALA B 233 -6.00 13.47 -2.54
C ALA B 233 -7.50 13.64 -2.62
N ARG B 234 -8.07 13.48 -3.83
CA ARG B 234 -9.50 13.60 -4.04
C ARG B 234 -10.27 12.52 -3.26
N ALA B 235 -9.66 11.36 -3.01
CA ALA B 235 -10.39 10.31 -2.30
C ALA B 235 -10.47 10.69 -0.83
N PHE B 236 -9.36 11.22 -0.28
CA PHE B 236 -9.35 11.81 1.05
C PHE B 236 -10.44 12.87 1.18
N GLY B 237 -10.42 13.81 0.24
CA GLY B 237 -11.46 14.84 0.17
C GLY B 237 -12.84 14.22 0.28
N ALA B 238 -13.08 13.14 -0.47
CA ALA B 238 -14.43 12.58 -0.58
C ALA B 238 -14.75 11.66 0.59
N ALA B 239 -13.72 11.25 1.31
CA ALA B 239 -13.95 10.46 2.53
C ALA B 239 -14.47 11.36 3.63
N PHE B 240 -14.10 12.62 3.57
CA PHE B 240 -14.48 13.51 4.66
C PHE B 240 -15.21 14.72 4.06
N PRO B 241 -16.43 14.46 3.50
CA PRO B 241 -16.95 15.51 2.60
C PRO B 241 -17.34 16.81 3.32
N LYS B 242 -17.51 16.75 4.64
CA LYS B 242 -17.86 17.95 5.43
C LYS B 242 -16.73 18.63 6.25
N ALA B 243 -15.52 18.09 6.20
CA ALA B 243 -14.42 18.65 7.00
C ALA B 243 -14.09 20.06 6.50
N SER B 244 -14.02 21.04 7.39
CA SER B 244 -13.68 22.38 6.91
C SER B 244 -12.25 22.71 7.29
N MET B 245 -11.74 21.99 8.25
CA MET B 245 -10.38 22.22 8.72
C MET B 245 -9.53 21.04 8.36
N ILE B 246 -8.58 21.28 7.45
CA ILE B 246 -7.76 20.24 6.95
C ILE B 246 -6.40 20.42 7.61
N VAL B 247 -6.05 19.47 8.47
CA VAL B 247 -4.80 19.54 9.20
C VAL B 247 -3.85 18.68 8.41
N MET B 248 -2.61 19.12 8.33
CA MET B 248 -1.60 18.43 7.54
C MET B 248 -0.21 18.54 8.17
N SER B 249 0.73 17.70 7.77
CA SER B 249 1.97 17.54 8.53
C SER B 249 2.91 18.75 8.46
N HIS B 250 2.81 19.54 7.40
CA HIS B 250 3.89 20.47 7.07
C HIS B 250 3.41 21.88 6.75
N SER B 251 2.16 22.19 7.12
CA SER B 251 1.66 23.58 7.09
C SER B 251 0.60 23.69 8.16
N ALA B 252 0.33 24.92 8.57
CA ALA B 252 -0.82 25.24 9.41
C ALA B 252 -2.13 24.72 8.79
N PRO B 253 -3.13 24.44 9.64
CA PRO B 253 -4.39 23.94 9.10
C PRO B 253 -4.95 24.92 8.07
N ASP B 254 -5.65 24.40 7.06
CA ASP B 254 -6.13 25.19 5.93
C ASP B 254 -7.56 24.76 5.72
N SER B 255 -8.20 25.32 4.71
CA SER B 255 -9.51 24.91 4.23
C SER B 255 -9.47 23.81 3.15
N ARG B 256 -10.64 23.40 2.68
CA ARG B 256 -10.76 22.40 1.65
C ARG B 256 -10.01 22.81 0.40
N ALA B 257 -9.71 24.11 0.24
CA ALA B 257 -8.94 24.57 -0.90
C ALA B 257 -7.58 23.86 -0.96
N ALA B 258 -7.04 23.43 0.18
CA ALA B 258 -5.75 22.74 0.15
C ALA B 258 -5.88 21.40 -0.59
N ILE B 259 -7.02 20.72 -0.46
CA ILE B 259 -7.21 19.42 -1.12
C ILE B 259 -7.19 19.58 -2.63
N THR B 260 -8.02 20.49 -3.15
CA THR B 260 -8.10 20.70 -4.59
C THR B 260 -6.80 21.29 -5.08
N HIS B 261 -6.17 22.10 -4.26
CA HIS B 261 -4.86 22.62 -4.68
C HIS B 261 -3.81 21.51 -4.80
N THR B 262 -3.73 20.67 -3.78
CA THR B 262 -2.91 19.48 -3.84
C THR B 262 -3.19 18.62 -5.08
N ALA B 263 -4.47 18.27 -5.29
CA ALA B 263 -4.79 17.38 -6.42
C ALA B 263 -4.48 18.04 -7.78
N ARG B 264 -4.63 19.37 -7.91
CA ARG B 264 -4.16 20.05 -9.12
C ARG B 264 -2.64 19.97 -9.29
N MET B 265 -1.89 20.15 -8.22
CA MET B 265 -0.43 20.06 -8.31
C MET B 265 -0.01 18.67 -8.77
N ALA B 266 -0.69 17.65 -8.26
CA ALA B 266 -0.42 16.26 -8.60
C ALA B 266 -0.84 15.89 -10.03
N ASP B 267 -1.98 16.39 -10.49
CA ASP B 267 -2.31 16.24 -11.92
C ASP B 267 -1.33 16.99 -12.85
N LYS B 268 -0.84 18.15 -12.45
CA LYS B 268 0.04 18.88 -13.35
C LYS B 268 1.35 18.10 -13.51
N LEU B 269 1.75 17.46 -12.43
CA LEU B 269 3.03 16.78 -12.44
C LEU B 269 2.98 15.47 -13.24
N ARG B 270 1.97 14.65 -12.99
CA ARG B 270 1.70 13.44 -13.78
C ARG B 270 1.73 13.71 -15.28
N LEU B 271 1.18 14.86 -15.69
CA LEU B 271 1.17 15.22 -17.10
C LEU B 271 2.56 15.57 -17.66
N VAL B 272 3.54 15.77 -16.78
CA VAL B 272 4.88 16.18 -17.21
C VAL B 272 5.77 14.99 -17.64
O1 X8Z C . 3.37 -2.35 -18.35
C4 X8Z C . 3.21 -3.39 -18.98
C2 X8Z C . 1.83 -3.97 -19.01
C1 X8Z C . 1.38 -4.14 -17.57
S X8Z C . 2.66 -4.88 -16.51
C3 X8Z C . 0.92 -2.97 -19.72
N X8Z C . 4.18 -4.03 -19.65
C8 X8Z C . 5.54 -3.51 -19.70
C9 X8Z C . 5.65 -2.44 -20.77
O3 X8Z C . 6.73 -1.77 -20.89
O2 X8Z C . 4.64 -2.25 -21.51
C5 X8Z C . 4.03 -5.26 -20.43
C6 X8Z C . 5.46 -5.73 -20.70
C7 X8Z C . 6.39 -4.71 -20.08
ZN ZN D . 1.88 -4.40 -14.28
ZN ZN E . 2.77 -6.97 -16.50
O1 X8Z F . 10.45 14.65 3.34
C4 X8Z F . 10.01 15.27 4.30
C2 X8Z F . 9.99 14.62 5.67
C1 X8Z F . 9.15 13.33 5.78
S X8Z F . 7.49 13.32 5.05
C3 X8Z F . 11.43 14.26 6.04
N X8Z F . 9.60 16.55 4.18
C8 X8Z F . 9.65 17.24 2.88
C9 X8Z F . 11.08 17.38 2.39
O3 X8Z F . 12.02 17.27 3.21
O2 X8Z F . 11.27 17.62 1.17
C5 X8Z F . 9.07 17.42 5.24
C6 X8Z F . 8.70 18.74 4.57
C7 X8Z F . 9.06 18.62 3.10
ZN ZN G . 6.50 11.29 4.72
ZN ZN H . 6.08 14.35 6.57
#